data_5Z49
#
_entry.id   5Z49
#
_cell.length_a   62.570
_cell.length_b   86.700
_cell.length_c   87.180
_cell.angle_alpha   90.00
_cell.angle_beta   90.00
_cell.angle_gamma   90.00
#
_symmetry.space_group_name_H-M   'P 21 21 21'
#
loop_
_entity.id
_entity.type
_entity.pdbx_description
1 polymer 'HTH-type transcriptional activator CmpR'
2 non-polymer RIBULOSE-1,5-DIPHOSPHATE
3 water water
#
_entity_poly.entity_id   1
_entity_poly.type   'polypeptide(L)'
_entity_poly.pdbx_seq_one_letter_code
;MGHHHHHHMGQLRLAVITTAKYFIPRLIGPFCQRYPGINVSLKVTNHEGLINRINDNLDDLYVLSRPPSGFDITVQPFLD
NPLVVVGPASHPLANQRGISLERLAQEPFILRERGSGTREATEQLFAAHNLNLNVKLDLGSNEAIKQAILGGLGLAVLSY
HTLTSAGATPELKMFEVEGFPIHRQWHAVYPAGKQLSTVAATFLDYLLTESQRIAADIQIPESTTTDPELDAPQPVVGV
;
_entity_poly.pdbx_strand_id   B,A
#
# COMPACT_ATOMS: atom_id res chain seq x y z
N HIS A 4 1.28 -25.14 17.18
CA HIS A 4 1.06 -23.71 17.42
C HIS A 4 0.31 -23.50 18.75
N HIS A 5 0.70 -22.43 19.43
CA HIS A 5 0.15 -22.06 20.72
C HIS A 5 -0.59 -20.75 20.58
N HIS A 6 -1.57 -20.54 21.44
CA HIS A 6 -2.44 -19.40 21.30
C HIS A 6 -1.93 -18.20 22.05
N HIS A 7 -1.28 -18.45 23.17
CA HIS A 7 -0.81 -17.39 24.06
C HIS A 7 0.69 -17.18 23.83
N HIS A 8 1.08 -15.92 23.73
CA HIS A 8 2.45 -15.56 23.39
C HIS A 8 3.11 -14.89 24.58
N MET A 9 4.16 -15.54 25.09
CA MET A 9 4.91 -15.06 26.25
C MET A 9 5.63 -13.74 26.01
N GLY A 10 5.62 -13.19 24.80
CA GLY A 10 6.33 -11.95 24.54
C GLY A 10 5.73 -11.23 23.36
N GLN A 11 5.86 -9.90 23.37
CA GLN A 11 5.31 -9.02 22.35
C GLN A 11 6.33 -8.02 21.82
N LEU A 12 6.27 -7.73 20.54
CA LEU A 12 7.10 -6.72 19.88
C LEU A 12 6.20 -5.71 19.19
N ARG A 13 6.29 -4.44 19.57
CA ARG A 13 5.48 -3.36 19.01
C ARG A 13 6.37 -2.45 18.18
N LEU A 14 6.18 -2.44 16.86
CA LEU A 14 6.94 -1.62 15.93
C LEU A 14 6.01 -0.60 15.29
N ALA A 15 6.55 0.56 14.94
CA ALA A 15 5.82 1.52 14.11
C ALA A 15 6.81 2.08 13.11
N VAL A 16 6.49 2.03 11.82
CA VAL A 16 7.47 2.38 10.81
C VAL A 16 6.85 3.37 9.83
N ILE A 17 7.71 4.18 9.22
CA ILE A 17 7.30 5.07 8.15
C ILE A 17 6.82 4.23 6.97
N THR A 18 5.86 4.77 6.20
CA THR A 18 5.16 4.01 5.17
C THR A 18 6.10 3.23 4.27
N THR A 19 7.14 3.89 3.75
CA THR A 19 8.01 3.23 2.78
C THR A 19 8.75 2.05 3.40
N ALA A 20 9.00 2.09 4.70
CA ALA A 20 9.69 1.00 5.40
C ALA A 20 8.88 -0.28 5.47
N LYS A 21 7.59 -0.24 5.07
CA LYS A 21 6.81 -1.47 5.00
C LYS A 21 7.40 -2.49 4.03
N TYR A 22 8.16 -2.04 3.03
CA TYR A 22 8.76 -2.99 2.11
C TYR A 22 9.97 -3.70 2.70
N PHE A 23 10.56 -3.13 3.75
CA PHE A 23 11.81 -3.66 4.29
C PHE A 23 11.67 -4.30 5.67
N ILE A 24 10.86 -3.75 6.58
CA ILE A 24 10.79 -4.29 7.94
C ILE A 24 10.37 -5.77 7.96
N PRO A 25 9.42 -6.25 7.13
CA PRO A 25 9.02 -7.68 7.23
C PRO A 25 10.14 -8.64 6.91
N ARG A 26 11.15 -8.21 6.16
CA ARG A 26 12.30 -9.06 5.91
C ARG A 26 13.07 -9.33 7.19
N LEU A 27 12.92 -8.45 8.17
CA LEU A 27 13.49 -8.72 9.49
C LEU A 27 12.53 -9.49 10.38
N ILE A 28 11.24 -9.12 10.34
CA ILE A 28 10.24 -9.74 11.21
C ILE A 28 10.16 -11.23 10.94
N GLY A 29 10.19 -11.62 9.66
CA GLY A 29 10.05 -13.01 9.27
C GLY A 29 11.06 -13.91 9.95
N PRO A 30 12.35 -13.74 9.64
CA PRO A 30 13.35 -14.60 10.30
C PRO A 30 13.41 -14.42 11.81
N PHE A 31 13.08 -13.22 12.33
CA PHE A 31 13.06 -13.02 13.78
C PHE A 31 11.97 -13.87 14.43
N CYS A 32 10.79 -13.90 13.83
CA CYS A 32 9.71 -14.72 14.38
C CYS A 32 9.98 -16.20 14.23
N GLN A 33 10.71 -16.61 13.19
CA GLN A 33 11.09 -18.02 13.07
C GLN A 33 12.07 -18.43 14.16
N ARG A 34 12.97 -17.52 14.55
CA ARG A 34 13.91 -17.75 15.65
C ARG A 34 13.20 -17.76 17.01
N TYR A 35 12.22 -16.87 17.20
CA TYR A 35 11.49 -16.71 18.45
C TYR A 35 10.01 -16.89 18.16
N PRO A 36 9.54 -18.14 18.04
CA PRO A 36 8.13 -18.38 17.70
C PRO A 36 7.15 -17.98 18.79
N GLY A 37 7.59 -17.76 20.03
CA GLY A 37 6.67 -17.36 21.08
C GLY A 37 6.30 -15.90 21.11
N ILE A 38 6.81 -15.10 20.18
CA ILE A 38 6.54 -13.67 20.11
C ILE A 38 5.40 -13.37 19.14
N ASN A 39 4.46 -12.54 19.59
CA ASN A 39 3.52 -11.91 18.67
C ASN A 39 4.00 -10.50 18.33
N VAL A 40 3.84 -10.11 17.08
CA VAL A 40 4.33 -8.84 16.58
C VAL A 40 3.14 -7.96 16.23
N SER A 41 3.25 -6.69 16.60
CA SER A 41 2.33 -5.68 16.12
C SER A 41 3.15 -4.65 15.36
N LEU A 42 2.69 -4.31 14.15
CA LEU A 42 3.37 -3.38 13.27
C LEU A 42 2.40 -2.31 12.81
N LYS A 43 2.70 -1.06 13.12
CA LYS A 43 1.93 0.07 12.61
C LYS A 43 2.74 0.70 11.49
N VAL A 44 2.05 1.07 10.41
CA VAL A 44 2.64 1.73 9.26
C VAL A 44 1.92 3.04 9.08
N THR A 45 2.65 4.16 9.07
CA THR A 45 2.01 5.47 8.99
C THR A 45 3.04 6.50 8.54
N ASN A 46 2.60 7.75 8.35
CA ASN A 46 3.48 8.83 7.93
C ASN A 46 4.16 9.49 9.13
N HIS A 47 4.98 10.51 8.85
CA HIS A 47 5.80 11.13 9.90
C HIS A 47 4.93 11.70 11.01
N GLU A 48 3.86 12.41 10.67
CA GLU A 48 2.97 12.95 11.70
C GLU A 48 2.41 11.84 12.58
N GLY A 49 1.91 10.77 11.96
CA GLY A 49 1.38 9.66 12.75
C GLY A 49 2.41 9.07 13.70
N LEU A 50 3.65 8.94 13.24
CA LEU A 50 4.69 8.33 14.09
C LEU A 50 5.02 9.23 15.28
N ILE A 51 5.12 10.54 15.07
CA ILE A 51 5.36 11.50 16.16
C ILE A 51 4.28 11.40 17.23
N ASN A 52 3.02 11.32 16.82
CA ASN A 52 1.94 11.16 17.78
C ASN A 52 2.11 9.88 18.58
N ARG A 53 2.49 8.79 17.91
CA ARG A 53 2.68 7.54 18.65
C ARG A 53 3.85 7.64 19.61
N ILE A 54 4.95 8.29 19.20
CA ILE A 54 6.07 8.50 20.12
C ILE A 54 5.60 9.36 21.30
N ASN A 55 4.88 10.44 20.99
CA ASN A 55 4.35 11.31 22.04
C ASN A 55 3.55 10.52 23.07
N ASP A 56 2.70 9.59 22.61
CA ASP A 56 1.88 8.77 23.50
C ASP A 56 2.61 7.52 23.97
N ASN A 57 3.84 7.28 23.53
CA ASN A 57 4.66 6.17 24.02
C ASN A 57 3.99 4.80 23.77
N LEU A 58 3.56 4.60 22.52
CA LEU A 58 2.73 3.44 22.18
C LEU A 58 3.53 2.20 21.79
N ASP A 59 4.75 2.34 21.28
CA ASP A 59 5.47 1.23 20.69
C ASP A 59 6.86 1.07 21.28
N ASP A 60 7.49 -0.09 21.00
CA ASP A 60 8.86 -0.32 21.47
C ASP A 60 9.87 0.43 20.61
N LEU A 61 9.71 0.36 19.29
CA LEU A 61 10.70 0.83 18.34
C LEU A 61 10.02 1.54 17.18
N TYR A 62 10.68 2.54 16.64
CA TYR A 62 10.15 3.35 15.54
C TYR A 62 11.18 3.41 14.43
N VAL A 63 10.72 3.38 13.18
CA VAL A 63 11.59 3.55 12.02
C VAL A 63 11.17 4.83 11.30
N LEU A 64 12.07 5.80 11.23
CA LEU A 64 11.77 7.09 10.62
C LEU A 64 12.90 7.49 9.69
N SER A 65 12.61 8.48 8.85
CA SER A 65 13.60 9.09 7.96
C SER A 65 14.39 10.15 8.73
N ARG A 66 13.72 11.20 9.12
CA ARG A 66 14.39 12.25 9.88
C ARG A 66 14.10 12.12 11.37
N PRO A 67 15.11 12.21 12.23
CA PRO A 67 14.88 12.14 13.68
C PRO A 67 14.02 13.30 14.13
N PRO A 68 13.02 13.06 14.97
CA PRO A 68 12.11 14.14 15.37
C PRO A 68 12.69 15.02 16.47
N SER A 69 12.19 16.26 16.52
CA SER A 69 12.53 17.21 17.57
C SER A 69 11.53 17.13 18.72
N GLY A 70 11.99 17.54 19.90
CA GLY A 70 11.12 17.69 21.06
C GLY A 70 10.90 16.45 21.90
N PHE A 71 11.66 15.38 21.67
CA PHE A 71 11.46 14.11 22.39
C PHE A 71 12.79 13.62 22.95
N ASP A 72 12.71 12.96 24.10
CA ASP A 72 13.85 12.26 24.69
C ASP A 72 13.95 10.91 23.96
N ILE A 73 14.87 10.83 23.00
CA ILE A 73 14.98 9.66 22.12
C ILE A 73 16.45 9.32 21.86
N THR A 74 16.68 8.05 21.59
CA THR A 74 17.93 7.56 21.04
C THR A 74 17.69 7.21 19.58
N VAL A 75 18.61 7.61 18.71
CA VAL A 75 18.45 7.51 17.26
C VAL A 75 19.64 6.72 16.72
N GLN A 76 19.36 5.73 15.88
CA GLN A 76 20.41 4.89 15.30
C GLN A 76 20.16 4.72 13.82
N PRO A 77 21.01 5.26 12.95
CA PRO A 77 20.86 4.97 11.51
C PRO A 77 21.14 3.50 11.23
N PHE A 78 20.45 2.94 10.26
CA PHE A 78 20.71 1.55 9.95
C PHE A 78 20.59 1.19 8.48
N LEU A 79 20.06 2.07 7.64
CA LEU A 79 19.82 1.63 6.27
C LEU A 79 19.69 2.82 5.35
N ASP A 80 20.23 2.68 4.14
CA ASP A 80 20.07 3.67 3.09
C ASP A 80 18.68 3.56 2.47
N ASN A 81 18.11 4.71 2.16
CA ASN A 81 16.83 4.82 1.49
C ASN A 81 16.97 5.74 0.29
N PRO A 82 17.56 5.25 -0.80
CA PRO A 82 17.76 6.12 -1.96
C PRO A 82 16.47 6.37 -2.75
N LEU A 83 16.31 7.62 -3.18
CA LEU A 83 15.19 8.01 -4.01
C LEU A 83 15.63 7.89 -5.46
N VAL A 84 14.80 7.27 -6.30
CA VAL A 84 15.17 6.97 -7.68
C VAL A 84 14.01 7.27 -8.60
N VAL A 85 14.33 7.37 -9.89
CA VAL A 85 13.32 7.53 -10.93
C VAL A 85 12.77 6.17 -11.32
N VAL A 86 11.44 6.06 -11.35
CA VAL A 86 10.77 4.80 -11.66
C VAL A 86 9.87 5.01 -12.86
N GLY A 87 9.84 4.02 -13.75
CA GLY A 87 8.95 4.05 -14.87
C GLY A 87 8.66 2.65 -15.35
N PRO A 88 7.78 2.53 -16.33
CA PRO A 88 7.52 1.20 -16.90
C PRO A 88 8.67 0.76 -17.80
N ALA A 89 8.84 -0.57 -17.85
CA ALA A 89 9.90 -1.17 -18.66
C ALA A 89 9.71 -0.92 -20.13
N SER A 90 8.48 -0.65 -20.57
CA SER A 90 8.14 -0.38 -21.96
C SER A 90 8.42 1.06 -22.36
N HIS A 91 8.69 1.94 -21.42
CA HIS A 91 8.99 3.34 -21.73
C HIS A 91 10.22 3.41 -22.63
N PRO A 92 10.26 4.39 -23.54
CA PRO A 92 11.45 4.52 -24.41
C PRO A 92 12.73 4.79 -23.65
N LEU A 93 12.67 5.56 -22.56
CA LEU A 93 13.86 5.84 -21.77
C LEU A 93 14.24 4.68 -20.85
N ALA A 94 13.44 3.62 -20.81
CA ALA A 94 13.65 2.56 -19.82
C ALA A 94 15.08 2.03 -19.85
N ASN A 95 15.61 1.76 -21.04
CA ASN A 95 16.93 1.13 -21.17
C ASN A 95 18.04 2.11 -21.51
N GLN A 96 17.75 3.41 -21.60
CA GLN A 96 18.76 4.40 -21.91
C GLN A 96 19.71 4.59 -20.73
N ARG A 97 20.99 4.72 -21.01
CA ARG A 97 21.98 4.98 -19.97
C ARG A 97 22.21 6.48 -19.84
N GLY A 98 22.47 6.91 -18.61
CA GLY A 98 22.82 8.29 -18.33
C GLY A 98 21.83 9.30 -18.88
N ILE A 99 20.55 9.15 -18.53
CA ILE A 99 19.53 10.07 -19.00
C ILE A 99 19.75 11.43 -18.34
N SER A 100 19.88 12.47 -19.15
CA SER A 100 20.01 13.80 -18.57
C SER A 100 18.67 14.27 -18.04
N LEU A 101 18.82 15.11 -17.04
CA LEU A 101 17.80 15.75 -16.29
C LEU A 101 17.00 16.71 -17.11
N GLU A 102 17.39 16.87 -18.36
CA GLU A 102 16.72 17.75 -19.25
C GLU A 102 15.86 16.89 -20.08
N ARG A 103 16.33 15.74 -20.48
CA ARG A 103 15.53 14.83 -21.25
C ARG A 103 14.35 14.26 -20.43
N LEU A 104 14.56 14.23 -19.12
CA LEU A 104 13.70 13.72 -18.07
C LEU A 104 12.63 14.75 -17.72
N ALA A 105 13.01 16.03 -17.65
CA ALA A 105 12.09 17.10 -17.29
C ALA A 105 10.97 17.32 -18.33
N GLN A 106 11.12 16.83 -19.55
CA GLN A 106 10.10 16.98 -20.58
C GLN A 106 9.03 15.87 -20.56
N GLU A 107 9.10 14.89 -19.59
CA GLU A 107 8.32 13.72 -19.24
C GLU A 107 7.27 14.09 -18.20
N PRO A 108 6.06 13.53 -18.26
CA PRO A 108 5.09 13.77 -17.20
C PRO A 108 5.37 12.93 -15.95
N PHE A 109 5.16 13.55 -14.79
CA PHE A 109 5.47 12.92 -13.53
C PHE A 109 4.22 12.71 -12.68
N ILE A 110 4.30 11.69 -11.84
CA ILE A 110 3.31 11.41 -10.81
C ILE A 110 4.09 11.39 -9.51
N LEU A 111 3.81 12.34 -8.63
CA LEU A 111 4.62 12.50 -7.43
C LEU A 111 3.75 12.53 -6.18
N ARG A 112 4.42 12.44 -5.03
CA ARG A 112 3.75 12.67 -3.76
C ARG A 112 3.38 14.14 -3.64
N GLU A 113 2.57 14.45 -2.63
CA GLU A 113 2.08 15.81 -2.47
C GLU A 113 3.22 16.75 -2.11
N ARG A 114 2.94 18.02 -2.34
CA ARG A 114 3.91 19.09 -2.15
C ARG A 114 4.12 19.20 -0.65
N GLY A 115 5.37 19.34 -0.21
CA GLY A 115 5.65 19.21 1.20
C GLY A 115 6.09 17.82 1.63
N SER A 116 5.92 16.81 0.78
CA SER A 116 6.39 15.45 1.07
C SER A 116 7.89 15.33 0.82
N GLY A 117 8.52 14.40 1.52
CA GLY A 117 9.97 14.26 1.42
C GLY A 117 10.47 13.96 0.02
N THR A 118 9.86 12.98 -0.66
CA THR A 118 10.32 12.66 -2.01
C THR A 118 10.04 13.82 -2.95
N ARG A 119 8.88 14.45 -2.81
CA ARG A 119 8.51 15.51 -3.75
C ARG A 119 9.46 16.70 -3.65
N GLU A 120 9.77 17.13 -2.44
CA GLU A 120 10.69 18.26 -2.25
C GLU A 120 12.08 17.95 -2.78
N ALA A 121 12.56 16.72 -2.58
CA ALA A 121 13.87 16.34 -3.13
C ALA A 121 13.93 16.52 -4.64
N THR A 122 12.90 16.05 -5.37
CA THR A 122 12.97 16.21 -6.82
C THR A 122 12.71 17.67 -7.23
N GLU A 123 11.85 18.38 -6.50
CA GLU A 123 11.65 19.81 -6.77
C GLU A 123 12.92 20.61 -6.46
N GLN A 124 13.55 20.35 -5.31
CA GLN A 124 14.80 21.03 -4.99
C GLN A 124 15.88 20.71 -6.00
N LEU A 125 15.96 19.45 -6.42
CA LEU A 125 16.94 19.09 -7.45
C LEU A 125 16.64 19.78 -8.76
N PHE A 126 15.37 19.77 -9.19
CA PHE A 126 14.98 20.44 -10.43
C PHE A 126 15.15 21.95 -10.37
N ALA A 127 15.18 22.54 -9.17
CA ALA A 127 15.46 23.97 -9.06
C ALA A 127 16.93 24.28 -9.34
N ALA A 128 17.85 23.44 -8.87
CA ALA A 128 19.27 23.68 -9.05
C ALA A 128 19.69 23.68 -10.52
N HIS A 129 18.93 23.01 -11.39
CA HIS A 129 19.22 23.04 -12.81
C HIS A 129 18.28 23.94 -13.56
N ASN A 130 17.53 24.76 -12.84
CA ASN A 130 16.57 25.72 -13.39
C ASN A 130 15.73 25.09 -14.50
N LEU A 131 15.01 24.04 -14.10
CA LEU A 131 14.14 23.24 -14.95
C LEU A 131 12.75 23.13 -14.31
N ASN A 132 11.74 22.95 -15.15
CA ASN A 132 10.35 22.89 -14.72
C ASN A 132 9.91 21.43 -14.68
N LEU A 133 9.36 21.02 -13.56
CA LEU A 133 8.88 19.66 -13.38
C LEU A 133 7.40 19.56 -13.76
N ASN A 134 7.10 18.69 -14.73
CA ASN A 134 5.76 18.51 -15.31
C ASN A 134 4.96 17.51 -14.48
N VAL A 135 4.21 18.03 -13.51
CA VAL A 135 3.46 17.21 -12.56
C VAL A 135 2.04 16.97 -13.06
N LYS A 136 1.82 15.77 -13.58
CA LYS A 136 0.51 15.37 -14.09
C LYS A 136 -0.48 15.00 -12.98
N LEU A 137 -0.02 14.43 -11.89
CA LEU A 137 -0.91 14.03 -10.85
C LEU A 137 -0.22 13.88 -9.54
N ASP A 138 -0.87 14.34 -8.51
CA ASP A 138 -0.37 14.25 -7.13
C ASP A 138 -1.16 13.20 -6.35
N LEU A 139 -0.44 12.19 -5.84
CA LEU A 139 -1.01 11.07 -5.10
C LEU A 139 -0.30 10.92 -3.76
N GLY A 140 -1.06 10.61 -2.72
CA GLY A 140 -0.47 10.48 -1.39
C GLY A 140 -0.07 9.07 -0.97
N SER A 141 0.31 8.21 -1.93
CA SER A 141 0.48 6.79 -1.65
C SER A 141 1.47 6.19 -2.63
N ASN A 142 2.47 5.46 -2.11
CA ASN A 142 3.41 4.74 -2.98
C ASN A 142 2.68 3.76 -3.90
N GLU A 143 1.74 3.00 -3.36
CA GLU A 143 1.03 2.03 -4.20
C GLU A 143 0.21 2.72 -5.29
N ALA A 144 -0.51 3.79 -4.94
CA ALA A 144 -1.28 4.52 -5.94
C ALA A 144 -0.39 5.04 -7.06
N ILE A 145 0.79 5.58 -6.71
CA ILE A 145 1.71 6.10 -7.73
C ILE A 145 2.14 4.97 -8.66
N LYS A 146 2.54 3.83 -8.10
CA LYS A 146 2.99 2.72 -8.93
C LYS A 146 1.88 2.22 -9.84
N GLN A 147 0.65 2.16 -9.32
CA GLN A 147 -0.50 1.82 -10.16
C GLN A 147 -0.70 2.85 -11.27
N ALA A 148 -0.51 4.14 -10.96
CA ALA A 148 -0.65 5.18 -11.97
C ALA A 148 0.41 5.06 -13.06
N ILE A 149 1.64 4.69 -12.68
CA ILE A 149 2.70 4.50 -13.68
C ILE A 149 2.33 3.40 -14.66
N LEU A 150 1.92 2.23 -14.15
CA LEU A 150 1.54 1.13 -15.01
C LEU A 150 0.29 1.41 -15.83
N GLY A 151 -0.52 2.38 -15.41
CA GLY A 151 -1.60 2.85 -16.26
C GLY A 151 -1.13 3.75 -17.38
N GLY A 152 0.14 4.13 -17.37
CA GLY A 152 0.72 4.91 -18.42
C GLY A 152 0.72 6.40 -18.21
N LEU A 153 0.51 6.88 -16.98
CA LEU A 153 0.42 8.32 -16.77
C LEU A 153 1.77 9.02 -16.68
N GLY A 154 2.88 8.28 -16.67
CA GLY A 154 4.19 8.92 -16.71
C GLY A 154 5.20 8.22 -15.81
N LEU A 155 6.16 8.97 -15.30
CA LEU A 155 7.25 8.47 -14.47
C LEU A 155 7.06 8.98 -13.04
N ALA A 156 7.85 8.46 -12.10
CA ALA A 156 7.76 8.92 -10.71
C ALA A 156 9.15 8.99 -10.09
N VAL A 157 9.22 9.67 -8.95
CA VAL A 157 10.38 9.59 -8.07
C VAL A 157 9.92 8.92 -6.78
N LEU A 158 10.47 7.75 -6.51
CA LEU A 158 10.08 6.95 -5.36
C LEU A 158 11.34 6.41 -4.69
N SER A 159 11.18 6.02 -3.44
CA SER A 159 12.25 5.30 -2.80
C SER A 159 12.47 3.96 -3.50
N TYR A 160 13.74 3.58 -3.61
CA TYR A 160 14.11 2.31 -4.23
C TYR A 160 13.35 1.15 -3.60
N HIS A 161 13.07 1.24 -2.30
CA HIS A 161 12.42 0.13 -1.64
C HIS A 161 11.01 -0.14 -2.15
N THR A 162 10.37 0.80 -2.88
CA THR A 162 9.06 0.48 -3.43
C THR A 162 9.14 -0.50 -4.60
N LEU A 163 10.35 -0.76 -5.11
CA LEU A 163 10.60 -1.72 -6.19
C LEU A 163 10.78 -3.13 -5.66
N THR A 164 10.86 -3.33 -4.35
CA THR A 164 11.18 -4.64 -3.78
C THR A 164 9.97 -5.33 -3.18
N SER A 165 8.75 -5.01 -3.65
CA SER A 165 7.59 -5.77 -3.18
C SER A 165 7.81 -7.26 -3.40
N ALA A 166 7.19 -8.05 -2.53
CA ALA A 166 7.23 -9.50 -2.66
C ALA A 166 6.73 -9.90 -4.05
N GLY A 167 7.53 -10.68 -4.76
CA GLY A 167 7.17 -11.09 -6.10
C GLY A 167 7.23 -9.98 -7.12
N ALA A 168 8.07 -8.97 -6.88
CA ALA A 168 8.27 -7.88 -7.84
C ALA A 168 8.68 -8.44 -9.20
N THR A 169 8.12 -7.86 -10.25
CA THR A 169 8.39 -8.25 -11.62
C THR A 169 9.19 -7.17 -12.31
N PRO A 170 9.82 -7.47 -13.44
CA PRO A 170 10.54 -6.42 -14.19
C PRO A 170 9.64 -5.39 -14.89
N GLU A 171 8.37 -5.30 -14.49
CA GLU A 171 7.43 -4.40 -15.19
C GLU A 171 7.66 -2.95 -14.81
N LEU A 172 7.94 -2.67 -13.54
CA LEU A 172 8.47 -1.36 -13.13
C LEU A 172 9.96 -1.49 -12.92
N LYS A 173 10.70 -0.45 -13.31
CA LYS A 173 12.14 -0.52 -13.15
C LYS A 173 12.71 0.85 -12.82
N MET A 174 13.81 0.81 -12.09
CA MET A 174 14.55 2.03 -11.83
C MET A 174 15.23 2.50 -13.11
N PHE A 175 15.15 3.81 -13.39
CA PHE A 175 15.80 4.40 -14.57
C PHE A 175 17.16 4.95 -14.18
N GLU A 176 18.13 4.83 -15.09
CA GLU A 176 19.45 5.39 -14.86
C GLU A 176 19.47 6.87 -15.26
N VAL A 177 19.49 7.77 -14.29
CA VAL A 177 19.28 9.20 -14.51
C VAL A 177 20.31 10.00 -13.75
N GLU A 178 20.86 11.03 -14.40
CA GLU A 178 21.77 11.94 -13.73
C GLU A 178 21.10 12.63 -12.53
N GLY A 179 21.89 12.79 -11.46
CA GLY A 179 21.42 13.37 -10.22
C GLY A 179 20.72 12.41 -9.28
N PHE A 180 20.43 11.19 -9.72
CA PHE A 180 19.81 10.14 -8.93
C PHE A 180 20.76 8.94 -8.83
N PRO A 181 20.69 8.16 -7.76
CA PRO A 181 19.78 8.29 -6.61
C PRO A 181 20.16 9.42 -5.66
N ILE A 182 19.14 9.99 -5.02
CA ILE A 182 19.31 10.98 -3.98
C ILE A 182 19.35 10.23 -2.65
N HIS A 183 20.47 10.33 -1.93
CA HIS A 183 20.64 9.53 -0.74
C HIS A 183 19.80 10.04 0.41
N ARG A 184 19.09 9.13 1.09
CA ARG A 184 18.37 9.39 2.34
C ARG A 184 18.53 8.15 3.19
N GLN A 185 18.36 8.30 4.50
CA GLN A 185 18.61 7.22 5.46
C GLN A 185 17.41 6.96 6.38
N TRP A 186 17.28 5.71 6.81
CA TRP A 186 16.32 5.36 7.85
C TRP A 186 17.04 5.19 9.18
N HIS A 187 16.33 5.52 10.25
CA HIS A 187 16.85 5.52 11.60
C HIS A 187 15.92 4.70 12.46
N ALA A 188 16.51 3.94 13.38
CA ALA A 188 15.77 3.30 14.46
C ALA A 188 15.72 4.28 15.62
N VAL A 189 14.53 4.48 16.18
CA VAL A 189 14.33 5.46 17.23
C VAL A 189 13.57 4.82 18.38
N TYR A 190 13.96 5.14 19.62
CA TYR A 190 13.25 4.64 20.79
C TYR A 190 13.42 5.62 21.94
N PRO A 191 12.47 5.66 22.88
CA PRO A 191 12.59 6.62 24.00
C PRO A 191 13.82 6.32 24.85
N ALA A 192 14.56 7.38 25.17
CA ALA A 192 15.77 7.24 25.96
C ALA A 192 15.50 7.20 27.46
N GLY A 193 14.29 7.56 27.90
CA GLY A 193 14.02 7.60 29.33
C GLY A 193 13.85 6.26 29.99
N LYS A 194 13.47 5.23 29.23
CA LYS A 194 13.21 3.91 29.78
C LYS A 194 14.00 2.87 28.99
N GLN A 195 14.46 1.84 29.70
CA GLN A 195 15.21 0.77 29.06
C GLN A 195 14.30 -0.04 28.14
N LEU A 196 14.88 -0.47 27.01
CA LEU A 196 14.18 -1.34 26.07
C LEU A 196 13.82 -2.66 26.73
N SER A 197 12.65 -3.20 26.40
CA SER A 197 12.35 -4.56 26.82
C SER A 197 13.35 -5.52 26.19
N THR A 198 13.47 -6.70 26.81
CA THR A 198 14.36 -7.74 26.29
C THR A 198 14.03 -8.09 24.84
N VAL A 199 12.74 -8.21 24.53
CA VAL A 199 12.36 -8.57 23.16
C VAL A 199 12.76 -7.47 22.19
N ALA A 200 12.47 -6.21 22.55
CA ALA A 200 12.77 -5.09 21.68
C ALA A 200 14.28 -4.89 21.53
N ALA A 201 15.02 -5.00 22.63
CA ALA A 201 16.48 -4.90 22.54
C ALA A 201 17.06 -6.01 21.66
N THR A 202 16.51 -7.22 21.78
CA THR A 202 16.98 -8.32 20.95
C THR A 202 16.68 -8.03 19.49
N PHE A 203 15.48 -7.49 19.21
CA PHE A 203 15.14 -7.13 17.82
C PHE A 203 16.02 -5.98 17.31
N LEU A 204 16.25 -4.96 18.14
CA LEU A 204 17.09 -3.85 17.68
C LEU A 204 18.48 -4.36 17.28
N ASP A 205 19.07 -5.25 18.09
CA ASP A 205 20.37 -5.80 17.74
C ASP A 205 20.31 -6.58 16.42
N TYR A 206 19.24 -7.34 16.23
CA TYR A 206 19.06 -8.10 15.00
C TYR A 206 18.93 -7.16 13.80
N LEU A 207 18.11 -6.12 13.93
CA LEU A 207 17.95 -5.12 12.89
C LEU A 207 19.29 -4.49 12.50
N LEU A 208 20.12 -4.18 13.49
CA LEU A 208 21.40 -3.55 13.19
C LEU A 208 22.39 -4.52 12.54
N THR A 209 22.36 -5.79 12.95
CA THR A 209 23.31 -6.75 12.39
C THR A 209 22.85 -7.42 11.10
N GLU A 210 21.54 -7.53 10.90
CA GLU A 210 20.98 -8.25 9.77
C GLU A 210 20.63 -7.37 8.57
N SER A 211 20.51 -6.06 8.74
CA SER A 211 20.03 -5.21 7.64
C SER A 211 21.02 -5.10 6.48
N GLN A 212 22.33 -5.14 6.74
CA GLN A 212 23.26 -5.06 5.63
C GLN A 212 23.25 -6.32 4.78
N ARG A 213 23.00 -7.48 5.39
CA ARG A 213 22.79 -8.68 4.58
C ARG A 213 21.60 -8.54 3.66
N ILE A 214 20.49 -8.04 4.19
CA ILE A 214 19.30 -7.84 3.36
C ILE A 214 19.55 -6.76 2.30
N ALA A 215 20.25 -5.68 2.66
CA ALA A 215 20.53 -4.64 1.67
C ALA A 215 21.22 -5.22 0.43
N ALA A 216 22.16 -6.15 0.64
CA ALA A 216 22.79 -6.85 -0.48
C ALA A 216 21.81 -7.70 -1.26
N ASP A 217 20.92 -8.42 -0.56
CA ASP A 217 20.00 -9.33 -1.24
C ASP A 217 18.97 -8.60 -2.11
N ILE A 218 18.58 -7.38 -1.74
CA ILE A 218 17.63 -6.62 -2.56
C ILE A 218 18.36 -5.61 -3.45
N GLN A 219 19.68 -5.59 -3.40
CA GLN A 219 20.56 -4.75 -4.22
C GLN A 219 20.22 -3.25 -4.12
N ILE A 220 20.20 -2.74 -2.89
CA ILE A 220 20.04 -1.29 -2.74
C ILE A 220 21.16 -0.60 -3.48
N PRO A 221 20.87 0.36 -4.37
CA PRO A 221 21.94 1.08 -5.08
C PRO A 221 22.71 1.97 -4.12
N GLU A 222 24.04 1.90 -4.18
CA GLU A 222 24.82 2.88 -3.43
C GLU A 222 25.33 3.92 -4.38
N SER A 223 24.38 4.80 -4.69
CA SER A 223 24.45 5.84 -5.66
C SER A 223 23.32 6.79 -5.26
N HIS B 4 -6.20 17.56 -32.99
CA HIS B 4 -6.39 18.73 -32.15
C HIS B 4 -7.88 19.12 -32.01
N HIS B 5 -8.76 18.12 -31.91
CA HIS B 5 -10.19 18.36 -31.67
C HIS B 5 -10.63 17.53 -30.46
N HIS B 6 -10.59 18.13 -29.27
CA HIS B 6 -10.91 17.42 -28.05
C HIS B 6 -12.29 17.87 -27.56
N HIS B 7 -13.26 16.98 -27.69
CA HIS B 7 -14.64 17.33 -27.43
C HIS B 7 -14.90 17.38 -25.93
N HIS B 8 -14.04 16.74 -25.14
CA HIS B 8 -14.24 16.59 -23.70
C HIS B 8 -13.13 17.37 -22.97
N MET B 9 -13.52 18.44 -22.32
CA MET B 9 -12.62 19.23 -21.49
C MET B 9 -13.38 19.57 -20.22
N GLY B 10 -12.73 19.39 -19.08
CA GLY B 10 -13.39 19.67 -17.81
C GLY B 10 -12.48 19.31 -16.66
N GLN B 11 -13.05 19.33 -15.45
CA GLN B 11 -12.36 19.02 -14.22
C GLN B 11 -13.02 17.78 -13.62
N LEU B 12 -12.21 16.81 -13.23
CA LEU B 12 -12.72 15.60 -12.61
C LEU B 12 -12.01 15.39 -11.28
N ARG B 13 -12.78 15.42 -10.21
CA ARG B 13 -12.27 15.29 -8.85
C ARG B 13 -12.81 13.97 -8.27
N LEU B 14 -11.90 13.04 -7.99
CA LEU B 14 -12.24 11.73 -7.47
C LEU B 14 -11.72 11.61 -6.05
N ALA B 15 -12.46 10.91 -5.20
CA ALA B 15 -11.93 10.57 -3.88
C ALA B 15 -12.31 9.13 -3.56
N VAL B 16 -11.35 8.31 -3.12
CA VAL B 16 -11.58 6.89 -2.97
C VAL B 16 -11.06 6.40 -1.62
N ILE B 17 -11.67 5.33 -1.10
CA ILE B 17 -11.18 4.64 0.09
C ILE B 17 -9.84 3.99 -0.22
N THR B 18 -8.98 3.87 0.81
CA THR B 18 -7.62 3.36 0.66
C THR B 18 -7.54 2.10 -0.22
N THR B 19 -8.37 1.09 0.04
CA THR B 19 -8.26 -0.17 -0.70
C THR B 19 -8.47 0.02 -2.20
N ALA B 20 -9.23 1.05 -2.60
CA ALA B 20 -9.44 1.32 -4.02
C ALA B 20 -8.18 1.81 -4.74
N LYS B 21 -7.10 2.12 -4.01
CA LYS B 21 -5.83 2.43 -4.66
C LYS B 21 -5.34 1.26 -5.49
N TYR B 22 -5.82 0.05 -5.21
CA TYR B 22 -5.42 -1.15 -5.95
C TYR B 22 -6.10 -1.29 -7.30
N PHE B 23 -7.20 -0.58 -7.57
CA PHE B 23 -7.82 -0.67 -8.89
C PHE B 23 -8.10 0.66 -9.56
N ILE B 24 -8.37 1.73 -8.80
CA ILE B 24 -8.77 3.00 -9.42
C ILE B 24 -7.63 3.73 -10.12
N PRO B 25 -6.46 3.95 -9.49
CA PRO B 25 -5.44 4.75 -10.19
C PRO B 25 -4.93 4.15 -11.48
N ARG B 26 -4.95 2.83 -11.62
CA ARG B 26 -4.52 2.25 -12.90
C ARG B 26 -5.51 2.53 -14.03
N LEU B 27 -6.79 2.79 -13.71
CA LEU B 27 -7.79 3.10 -14.73
C LEU B 27 -7.67 4.53 -15.24
N ILE B 28 -7.16 5.45 -14.42
CA ILE B 28 -7.04 6.84 -14.82
C ILE B 28 -6.14 6.99 -16.04
N GLY B 29 -5.12 6.14 -16.13
CA GLY B 29 -4.17 6.18 -17.23
C GLY B 29 -4.83 6.12 -18.60
N PRO B 30 -5.47 5.00 -18.92
CA PRO B 30 -6.17 4.89 -20.22
C PRO B 30 -7.33 5.87 -20.36
N PHE B 31 -7.98 6.27 -19.27
CA PHE B 31 -9.02 7.29 -19.38
C PHE B 31 -8.44 8.61 -19.86
N CYS B 32 -7.32 9.03 -19.28
CA CYS B 32 -6.68 10.27 -19.66
C CYS B 32 -6.06 10.18 -21.04
N GLN B 33 -5.59 9.00 -21.43
CA GLN B 33 -5.11 8.82 -22.80
C GLN B 33 -6.24 9.02 -23.80
N ARG B 34 -7.44 8.55 -23.46
CA ARG B 34 -8.60 8.75 -24.33
C ARG B 34 -9.10 10.20 -24.29
N TYR B 35 -9.09 10.84 -23.13
CA TYR B 35 -9.63 12.19 -22.96
C TYR B 35 -8.52 13.08 -22.37
N PRO B 36 -7.55 13.52 -23.17
CA PRO B 36 -6.43 14.30 -22.61
C PRO B 36 -6.83 15.70 -22.14
N GLY B 37 -8.00 16.19 -22.53
CA GLY B 37 -8.49 17.48 -22.06
C GLY B 37 -9.17 17.47 -20.70
N ILE B 38 -9.36 16.30 -20.08
CA ILE B 38 -9.97 16.24 -18.77
C ILE B 38 -8.86 16.30 -17.73
N ASN B 39 -8.95 17.25 -16.81
CA ASN B 39 -7.98 17.31 -15.72
C ASN B 39 -8.50 16.48 -14.55
N VAL B 40 -7.69 15.53 -14.11
CA VAL B 40 -8.11 14.58 -13.09
C VAL B 40 -7.31 14.82 -11.83
N SER B 41 -8.02 14.88 -10.70
CA SER B 41 -7.40 14.81 -9.38
C SER B 41 -8.00 13.63 -8.63
N LEU B 42 -7.14 12.92 -7.90
CA LEU B 42 -7.53 11.71 -7.18
C LEU B 42 -7.03 11.82 -5.75
N LYS B 43 -7.93 11.78 -4.78
CA LYS B 43 -7.56 11.76 -3.37
C LYS B 43 -7.81 10.36 -2.80
N VAL B 44 -6.83 9.82 -2.09
CA VAL B 44 -6.92 8.50 -1.45
C VAL B 44 -6.94 8.73 0.05
N THR B 45 -7.95 8.19 0.74
CA THR B 45 -8.07 8.46 2.17
C THR B 45 -8.84 7.33 2.84
N ASN B 46 -8.96 7.41 4.18
CA ASN B 46 -9.74 6.42 4.91
C ASN B 46 -11.21 6.83 5.01
N HIS B 47 -12.00 5.98 5.68
CA HIS B 47 -13.44 6.16 5.72
C HIS B 47 -13.85 7.47 6.38
N GLU B 48 -13.23 7.78 7.53
CA GLU B 48 -13.57 9.03 8.21
C GLU B 48 -13.22 10.23 7.32
N GLY B 49 -12.03 10.20 6.71
CA GLY B 49 -11.66 11.26 5.79
C GLY B 49 -12.63 11.36 4.62
N LEU B 50 -13.03 10.22 4.06
CA LEU B 50 -13.93 10.25 2.91
C LEU B 50 -15.28 10.83 3.28
N ILE B 51 -15.81 10.44 4.44
CA ILE B 51 -17.09 10.97 4.91
C ILE B 51 -17.03 12.49 5.02
N ASN B 52 -15.93 13.02 5.56
CA ASN B 52 -15.77 14.48 5.65
C ASN B 52 -15.81 15.13 4.28
N ARG B 53 -15.13 14.53 3.29
CA ARG B 53 -15.11 15.12 1.94
C ARG B 53 -16.50 15.13 1.31
N ILE B 54 -17.28 14.05 1.52
CA ILE B 54 -18.65 14.03 1.02
C ILE B 54 -19.48 15.11 1.70
N ASN B 55 -19.34 15.25 3.02
CA ASN B 55 -20.03 16.30 3.77
C ASN B 55 -19.71 17.70 3.22
N ASP B 56 -18.44 17.97 2.92
CA ASP B 56 -17.99 19.26 2.39
C ASP B 56 -18.14 19.40 0.89
N ASN B 57 -18.61 18.36 0.20
CA ASN B 57 -18.89 18.44 -1.24
C ASN B 57 -17.64 18.82 -2.03
N LEU B 58 -16.54 18.11 -1.76
CA LEU B 58 -15.27 18.46 -2.36
C LEU B 58 -15.04 17.79 -3.71
N ASP B 59 -15.64 16.64 -3.98
CA ASP B 59 -15.32 15.87 -5.17
C ASP B 59 -16.57 15.58 -5.98
N ASP B 60 -16.36 15.16 -7.24
CA ASP B 60 -17.44 14.77 -8.13
C ASP B 60 -17.96 13.37 -7.83
N LEU B 61 -17.06 12.43 -7.55
CA LEU B 61 -17.38 11.02 -7.37
C LEU B 61 -16.58 10.46 -6.23
N TYR B 62 -17.18 9.54 -5.47
CA TYR B 62 -16.54 8.93 -4.32
C TYR B 62 -16.62 7.42 -4.49
N VAL B 63 -15.55 6.72 -4.13
CA VAL B 63 -15.50 5.26 -4.25
C VAL B 63 -15.30 4.65 -2.87
N LEU B 64 -16.30 3.91 -2.40
CA LEU B 64 -16.28 3.25 -1.08
C LEU B 64 -16.90 1.87 -1.21
N SER B 65 -16.84 1.07 -0.14
CA SER B 65 -17.50 -0.24 -0.17
C SER B 65 -18.96 -0.10 0.27
N ARG B 66 -19.17 0.09 1.53
CA ARG B 66 -20.56 0.12 1.95
C ARG B 66 -21.07 1.56 1.84
N PRO B 67 -22.24 1.75 1.22
CA PRO B 67 -22.77 3.12 1.06
C PRO B 67 -23.01 3.73 2.43
N PRO B 68 -22.63 4.99 2.61
CA PRO B 68 -22.74 5.61 3.93
C PRO B 68 -24.17 6.03 4.24
N SER B 69 -24.47 6.08 5.53
CA SER B 69 -25.73 6.59 6.02
C SER B 69 -25.67 8.10 6.22
N GLY B 70 -26.83 8.74 6.16
CA GLY B 70 -26.95 10.15 6.51
C GLY B 70 -26.68 11.14 5.40
N PHE B 71 -26.59 10.71 4.15
CA PHE B 71 -26.30 11.63 3.04
C PHE B 71 -27.27 11.37 1.89
N ASP B 72 -27.66 12.44 1.21
CA ASP B 72 -28.47 12.34 -0.01
C ASP B 72 -27.54 12.01 -1.18
N ILE B 73 -27.50 10.74 -1.57
CA ILE B 73 -26.53 10.25 -2.54
C ILE B 73 -27.19 9.29 -3.52
N THR B 74 -26.63 9.23 -4.72
CA THR B 74 -26.92 8.19 -5.68
C THR B 74 -25.76 7.19 -5.66
N VAL B 75 -26.10 5.92 -5.68
CA VAL B 75 -25.14 4.83 -5.47
C VAL B 75 -25.12 3.94 -6.69
N GLN B 76 -23.93 3.67 -7.21
CA GLN B 76 -23.74 2.82 -8.38
C GLN B 76 -22.76 1.69 -8.04
N PRO B 77 -23.22 0.46 -7.90
CA PRO B 77 -22.29 -0.66 -7.71
C PRO B 77 -21.39 -0.81 -8.92
N PHE B 78 -20.14 -1.20 -8.70
CA PHE B 78 -19.35 -1.45 -9.90
C PHE B 78 -18.35 -2.58 -9.79
N LEU B 79 -18.00 -3.08 -8.62
CA LEU B 79 -17.03 -4.16 -8.59
C LEU B 79 -17.11 -4.92 -7.28
N ASP B 80 -17.07 -6.25 -7.38
CA ASP B 80 -16.94 -7.11 -6.21
C ASP B 80 -15.47 -7.22 -5.85
N ASN B 81 -15.17 -7.11 -4.55
CA ASN B 81 -13.80 -7.28 -4.07
C ASN B 81 -13.87 -8.24 -2.90
N PRO B 82 -14.06 -9.54 -3.15
CA PRO B 82 -14.30 -10.50 -2.06
C PRO B 82 -13.07 -10.77 -1.21
N LEU B 83 -13.32 -11.13 0.04
CA LEU B 83 -12.27 -11.50 0.99
C LEU B 83 -12.01 -12.99 0.89
N VAL B 84 -10.73 -13.38 0.85
CA VAL B 84 -10.35 -14.77 0.63
C VAL B 84 -9.22 -15.14 1.60
N VAL B 85 -9.09 -16.44 1.84
CA VAL B 85 -8.01 -16.99 2.65
C VAL B 85 -6.83 -17.27 1.73
N VAL B 86 -5.64 -16.82 2.14
CA VAL B 86 -4.43 -17.00 1.37
C VAL B 86 -3.32 -17.57 2.23
N GLY B 87 -2.48 -18.38 1.60
CA GLY B 87 -1.32 -18.94 2.25
C GLY B 87 -0.25 -19.13 1.21
N PRO B 88 0.91 -19.66 1.62
CA PRO B 88 1.93 -20.03 0.63
C PRO B 88 1.53 -21.30 -0.10
N ALA B 89 2.05 -21.45 -1.32
CA ALA B 89 1.73 -22.64 -2.12
C ALA B 89 2.24 -23.92 -1.48
N SER B 90 3.31 -23.84 -0.69
CA SER B 90 3.91 -25.00 -0.04
C SER B 90 3.17 -25.44 1.21
N HIS B 91 2.21 -24.65 1.68
CA HIS B 91 1.47 -25.02 2.87
C HIS B 91 0.79 -26.37 2.68
N PRO B 92 0.67 -27.19 3.73
CA PRO B 92 -0.04 -28.47 3.60
C PRO B 92 -1.48 -28.34 3.18
N LEU B 93 -2.16 -27.25 3.58
CA LEU B 93 -3.57 -27.04 3.23
C LEU B 93 -3.77 -26.46 1.83
N ALA B 94 -2.69 -26.13 1.11
CA ALA B 94 -2.81 -25.39 -0.15
C ALA B 94 -3.77 -26.06 -1.14
N ASN B 95 -3.69 -27.37 -1.28
CA ASN B 95 -4.47 -28.12 -2.25
C ASN B 95 -5.64 -28.86 -1.62
N GLN B 96 -5.85 -28.73 -0.32
CA GLN B 96 -6.95 -29.41 0.35
C GLN B 96 -8.28 -28.79 -0.06
N ARG B 97 -9.29 -29.63 -0.25
CA ARG B 97 -10.62 -29.16 -0.60
C ARG B 97 -11.45 -28.99 0.66
N GLY B 98 -12.35 -28.00 0.64
CA GLY B 98 -13.33 -27.81 1.69
C GLY B 98 -12.78 -27.78 3.10
N ILE B 99 -11.79 -26.91 3.34
CA ILE B 99 -11.20 -26.77 4.67
C ILE B 99 -12.23 -26.13 5.60
N SER B 100 -12.49 -26.77 6.72
CA SER B 100 -13.43 -26.22 7.68
C SER B 100 -12.81 -25.06 8.47
N LEU B 101 -13.68 -24.23 9.05
CA LEU B 101 -13.21 -23.18 9.92
C LEU B 101 -12.53 -23.74 11.16
N GLU B 102 -13.05 -24.87 11.69
CA GLU B 102 -12.36 -25.57 12.77
C GLU B 102 -10.91 -25.88 12.39
N ARG B 103 -10.72 -26.50 11.22
CA ARG B 103 -9.38 -26.84 10.76
C ARG B 103 -8.55 -25.58 10.56
N LEU B 104 -9.14 -24.54 10.00
CA LEU B 104 -8.41 -23.30 9.78
C LEU B 104 -7.99 -22.66 11.10
N ALA B 105 -8.85 -22.73 12.13
CA ALA B 105 -8.57 -22.10 13.41
C ALA B 105 -7.32 -22.64 14.12
N GLN B 106 -6.75 -23.76 13.67
CA GLN B 106 -5.53 -24.18 14.36
C GLN B 106 -4.30 -23.47 13.79
N GLU B 107 -4.46 -22.72 12.82
CA GLU B 107 -3.30 -22.09 12.19
C GLU B 107 -3.07 -20.69 12.73
N PRO B 108 -1.82 -20.22 12.73
CA PRO B 108 -1.56 -18.83 13.06
C PRO B 108 -2.00 -17.93 11.91
N PHE B 109 -2.55 -16.78 12.26
CA PHE B 109 -3.04 -15.83 11.29
C PHE B 109 -2.26 -14.53 11.37
N ILE B 110 -2.15 -13.91 10.20
CA ILE B 110 -1.54 -12.62 9.99
C ILE B 110 -2.65 -11.72 9.45
N LEU B 111 -3.04 -10.72 10.22
CA LEU B 111 -4.17 -9.89 9.86
C LEU B 111 -3.82 -8.41 9.99
N ARG B 112 -4.66 -7.60 9.37
CA ARG B 112 -4.64 -6.15 9.51
C ARG B 112 -5.12 -5.75 10.91
N GLU B 113 -4.95 -4.47 11.21
CA GLU B 113 -5.31 -3.89 12.50
C GLU B 113 -6.83 -3.96 12.74
N ARG B 114 -7.21 -3.74 14.00
CA ARG B 114 -8.63 -3.71 14.34
C ARG B 114 -9.27 -2.48 13.72
N GLY B 115 -10.52 -2.62 13.29
CA GLY B 115 -11.19 -1.59 12.53
C GLY B 115 -11.06 -1.74 11.03
N SER B 116 -10.17 -2.61 10.57
CA SER B 116 -10.04 -2.87 9.16
C SER B 116 -11.18 -3.75 8.70
N GLY B 117 -11.53 -3.61 7.42
CA GLY B 117 -12.59 -4.43 6.87
C GLY B 117 -12.26 -5.91 6.92
N THR B 118 -11.04 -6.26 6.50
CA THR B 118 -10.65 -7.66 6.48
C THR B 118 -10.60 -8.25 7.88
N ARG B 119 -10.05 -7.50 8.84
CA ARG B 119 -9.93 -8.01 10.21
C ARG B 119 -11.30 -8.23 10.85
N GLU B 120 -12.19 -7.22 10.78
CA GLU B 120 -13.48 -7.34 11.42
C GLU B 120 -14.36 -8.42 10.78
N ALA B 121 -14.33 -8.52 9.45
CA ALA B 121 -15.03 -9.62 8.78
C ALA B 121 -14.54 -10.96 9.29
N THR B 122 -13.22 -11.11 9.45
CA THR B 122 -12.68 -12.38 9.90
C THR B 122 -13.00 -12.65 11.37
N GLU B 123 -12.91 -11.63 12.22
CA GLU B 123 -13.25 -11.80 13.63
C GLU B 123 -14.72 -12.18 13.79
N GLN B 124 -15.61 -11.49 13.07
CA GLN B 124 -17.04 -11.77 13.18
C GLN B 124 -17.38 -13.19 12.73
N LEU B 125 -16.80 -13.63 11.61
CA LEU B 125 -17.07 -14.99 11.14
C LEU B 125 -16.59 -16.04 12.14
N PHE B 126 -15.37 -15.89 12.65
CA PHE B 126 -14.88 -16.91 13.58
C PHE B 126 -15.66 -16.89 14.90
N ALA B 127 -16.12 -15.71 15.32
CA ALA B 127 -16.94 -15.62 16.53
C ALA B 127 -18.29 -16.29 16.30
N ALA B 128 -18.84 -16.15 15.09
CA ALA B 128 -20.12 -16.78 14.77
C ALA B 128 -20.06 -18.31 14.89
N HIS B 129 -18.88 -18.91 14.79
CA HIS B 129 -18.73 -20.34 14.97
C HIS B 129 -18.09 -20.67 16.32
N ASN B 130 -18.08 -19.71 17.24
CA ASN B 130 -17.45 -19.84 18.55
C ASN B 130 -16.07 -20.47 18.42
N LEU B 131 -15.23 -19.77 17.68
CA LEU B 131 -13.88 -20.22 17.40
C LEU B 131 -12.96 -19.07 17.80
N ASN B 132 -11.78 -19.42 18.28
CA ASN B 132 -10.82 -18.43 18.74
C ASN B 132 -9.80 -18.27 17.63
N LEU B 133 -9.62 -17.06 17.15
CA LEU B 133 -8.72 -16.78 16.05
C LEU B 133 -7.35 -16.44 16.61
N ASN B 134 -6.33 -17.18 16.20
CA ASN B 134 -4.96 -16.97 16.69
C ASN B 134 -4.29 -15.93 15.81
N VAL B 135 -4.40 -14.66 16.18
CA VAL B 135 -3.77 -13.58 15.43
C VAL B 135 -2.38 -13.41 16.01
N LYS B 136 -1.39 -14.08 15.40
CA LYS B 136 -0.01 -14.02 15.86
C LYS B 136 0.66 -12.72 15.43
N LEU B 137 0.39 -12.25 14.22
CA LEU B 137 0.97 -11.00 13.74
C LEU B 137 -0.16 -10.10 13.29
N ASP B 138 -0.20 -8.90 13.87
CA ASP B 138 -1.14 -7.86 13.46
C ASP B 138 -0.29 -6.83 12.73
N LEU B 139 -0.46 -6.75 11.43
CA LEU B 139 0.40 -5.91 10.61
C LEU B 139 -0.48 -4.91 9.87
N GLY B 140 -0.06 -3.66 9.87
CA GLY B 140 -0.86 -2.58 9.32
C GLY B 140 -0.60 -2.37 7.84
N SER B 141 -0.32 -3.42 7.09
CA SER B 141 0.01 -3.25 5.68
C SER B 141 -0.19 -4.57 4.95
N ASN B 142 -0.87 -4.51 3.81
CA ASN B 142 -0.98 -5.69 2.95
C ASN B 142 0.40 -6.16 2.50
N GLU B 143 1.28 -5.22 2.12
CA GLU B 143 2.61 -5.64 1.68
C GLU B 143 3.32 -6.41 2.77
N ALA B 144 3.28 -5.91 4.01
CA ALA B 144 3.89 -6.66 5.11
C ALA B 144 3.22 -8.02 5.29
N ILE B 145 1.89 -8.08 5.19
CA ILE B 145 1.20 -9.35 5.36
C ILE B 145 1.69 -10.36 4.32
N LYS B 146 1.79 -9.92 3.07
CA LYS B 146 2.21 -10.85 2.00
C LYS B 146 3.63 -11.37 2.21
N GLN B 147 4.56 -10.50 2.65
CA GLN B 147 5.89 -10.98 2.99
C GLN B 147 5.86 -11.96 4.15
N ALA B 148 5.05 -11.68 5.17
CA ALA B 148 4.96 -12.59 6.31
C ALA B 148 4.42 -13.95 5.88
N ILE B 149 3.45 -13.97 4.97
CA ILE B 149 2.93 -15.24 4.47
C ILE B 149 4.05 -16.03 3.78
N LEU B 150 4.78 -15.36 2.88
CA LEU B 150 5.84 -16.02 2.14
C LEU B 150 7.01 -16.45 3.03
N GLY B 151 7.16 -15.83 4.19
CA GLY B 151 8.14 -16.25 5.18
C GLY B 151 7.74 -17.44 6.02
N GLY B 152 6.52 -17.94 5.85
CA GLY B 152 6.09 -19.14 6.55
C GLY B 152 5.42 -18.89 7.88
N LEU B 153 5.01 -17.65 8.17
CA LEU B 153 4.48 -17.34 9.50
C LEU B 153 2.99 -17.63 9.63
N GLY B 154 2.31 -18.02 8.57
CA GLY B 154 0.94 -18.45 8.70
C GLY B 154 0.03 -18.02 7.58
N LEU B 155 -1.26 -17.90 7.86
CA LEU B 155 -2.24 -17.59 6.83
C LEU B 155 -2.77 -16.18 7.00
N ALA B 156 -3.48 -15.70 5.98
CA ALA B 156 -4.06 -14.36 6.04
C ALA B 156 -5.39 -14.36 5.33
N VAL B 157 -6.13 -13.28 5.59
CA VAL B 157 -7.33 -12.91 4.83
C VAL B 157 -7.06 -11.59 4.12
N LEU B 158 -7.21 -11.58 2.80
CA LEU B 158 -7.04 -10.37 1.99
C LEU B 158 -8.20 -10.28 0.99
N SER B 159 -8.47 -9.05 0.52
CA SER B 159 -9.39 -8.87 -0.59
C SER B 159 -8.72 -9.27 -1.91
N TYR B 160 -9.54 -9.81 -2.82
CA TYR B 160 -9.03 -10.34 -4.08
C TYR B 160 -8.09 -9.37 -4.79
N HIS B 161 -8.49 -8.11 -4.91
CA HIS B 161 -7.64 -7.19 -5.68
C HIS B 161 -6.40 -6.75 -4.92
N THR B 162 -6.31 -7.02 -3.62
CA THR B 162 -5.03 -6.79 -2.95
C THR B 162 -4.08 -7.98 -3.03
N LEU B 163 -4.43 -9.08 -3.71
CA LEU B 163 -3.52 -10.24 -3.73
C LEU B 163 -2.30 -10.00 -4.62
N THR B 164 -2.40 -9.08 -5.57
CA THR B 164 -1.28 -8.60 -6.36
C THR B 164 -1.08 -7.12 -6.03
N SER B 165 -0.02 -6.52 -6.58
CA SER B 165 0.18 -5.09 -6.47
C SER B 165 0.84 -4.64 -7.77
N ALA B 166 0.89 -3.34 -7.96
CA ALA B 166 1.51 -2.81 -9.17
C ALA B 166 2.90 -3.38 -9.36
N GLY B 167 3.08 -4.14 -10.43
CA GLY B 167 4.35 -4.75 -10.76
C GLY B 167 4.78 -5.85 -9.84
N ALA B 168 3.87 -6.51 -9.13
CA ALA B 168 4.29 -7.61 -8.28
C ALA B 168 3.22 -8.67 -8.20
N THR B 169 3.62 -9.93 -8.37
CA THR B 169 2.72 -11.09 -8.25
C THR B 169 3.36 -12.10 -7.32
N PRO B 170 3.22 -11.92 -6.01
CA PRO B 170 3.79 -12.89 -5.07
C PRO B 170 3.11 -14.23 -5.19
N GLU B 171 3.86 -15.29 -4.88
CA GLU B 171 3.38 -16.68 -5.01
C GLU B 171 2.55 -17.06 -3.78
N LEU B 172 1.37 -16.47 -3.74
CA LEU B 172 0.35 -16.79 -2.77
C LEU B 172 -0.66 -17.74 -3.42
N LYS B 173 -1.34 -18.52 -2.61
CA LYS B 173 -2.37 -19.40 -3.14
C LYS B 173 -3.63 -19.19 -2.31
N MET B 174 -4.75 -19.03 -3.01
CA MET B 174 -6.05 -18.94 -2.36
C MET B 174 -6.45 -20.32 -1.85
N PHE B 175 -6.90 -20.40 -0.60
CA PHE B 175 -7.32 -21.67 -0.02
C PHE B 175 -8.83 -21.83 -0.20
N GLU B 176 -9.26 -23.07 -0.42
CA GLU B 176 -10.68 -23.38 -0.49
C GLU B 176 -11.20 -23.60 0.93
N VAL B 177 -11.97 -22.65 1.45
CA VAL B 177 -12.35 -22.64 2.86
C VAL B 177 -13.84 -22.34 2.98
N GLU B 178 -14.53 -23.11 3.82
CA GLU B 178 -15.95 -22.86 4.06
C GLU B 178 -16.14 -21.49 4.70
N GLY B 179 -17.23 -20.81 4.31
CA GLY B 179 -17.48 -19.45 4.74
C GLY B 179 -16.75 -18.40 3.92
N PHE B 180 -15.87 -18.80 3.01
CA PHE B 180 -15.15 -17.93 2.10
C PHE B 180 -15.44 -18.32 0.66
N PRO B 181 -15.40 -17.36 -0.28
CA PRO B 181 -15.12 -15.92 -0.11
C PRO B 181 -16.24 -15.11 0.50
N ILE B 182 -15.86 -14.05 1.22
CA ILE B 182 -16.83 -13.11 1.77
C ILE B 182 -16.99 -11.98 0.76
N HIS B 183 -18.17 -11.90 0.15
CA HIS B 183 -18.39 -10.90 -0.88
C HIS B 183 -18.47 -9.51 -0.29
N ARG B 184 -17.85 -8.55 -0.95
CA ARG B 184 -18.05 -7.14 -0.64
C ARG B 184 -18.08 -6.34 -1.93
N GLN B 185 -19.00 -5.40 -2.00
CA GLN B 185 -19.29 -4.70 -3.23
C GLN B 185 -18.72 -3.29 -3.10
N TRP B 186 -18.09 -2.81 -4.16
CA TRP B 186 -17.60 -1.45 -4.19
C TRP B 186 -18.54 -0.61 -5.03
N HIS B 187 -18.73 0.64 -4.59
CA HIS B 187 -19.72 1.53 -5.17
C HIS B 187 -19.08 2.88 -5.48
N ALA B 188 -19.52 3.48 -6.58
CA ALA B 188 -19.31 4.89 -6.82
C ALA B 188 -20.54 5.64 -6.32
N VAL B 189 -20.31 6.69 -5.54
CA VAL B 189 -21.42 7.47 -4.99
C VAL B 189 -21.18 8.93 -5.34
N TYR B 190 -22.28 9.66 -5.51
CA TYR B 190 -22.27 11.09 -5.79
C TYR B 190 -23.52 11.74 -5.22
N PRO B 191 -23.46 13.05 -4.91
CA PRO B 191 -24.64 13.73 -4.32
C PRO B 191 -25.81 13.67 -5.28
N ALA B 192 -27.00 13.33 -4.76
CA ALA B 192 -28.12 13.22 -5.67
C ALA B 192 -28.80 14.55 -5.97
N GLY B 193 -28.47 15.61 -5.22
CA GLY B 193 -29.10 16.91 -5.40
C GLY B 193 -28.65 17.64 -6.66
N LYS B 194 -27.53 17.24 -7.25
CA LYS B 194 -26.95 17.89 -8.43
C LYS B 194 -26.71 16.87 -9.52
N GLN B 195 -26.96 17.29 -10.77
CA GLN B 195 -26.61 16.40 -11.88
C GLN B 195 -25.10 16.26 -11.94
N LEU B 196 -24.65 15.05 -12.32
CA LEU B 196 -23.23 14.86 -12.56
C LEU B 196 -22.78 15.78 -13.69
N SER B 197 -21.59 16.34 -13.52
CA SER B 197 -20.99 17.10 -14.61
C SER B 197 -20.76 16.18 -15.79
N THR B 198 -20.67 16.78 -16.98
CA THR B 198 -20.45 15.99 -18.20
C THR B 198 -19.22 15.10 -18.08
N VAL B 199 -18.10 15.62 -17.55
CA VAL B 199 -16.90 14.81 -17.41
C VAL B 199 -17.09 13.70 -16.38
N ALA B 200 -17.78 13.99 -15.27
CA ALA B 200 -17.98 12.96 -14.26
C ALA B 200 -18.84 11.84 -14.80
N ALA B 201 -19.94 12.17 -15.49
CA ALA B 201 -20.77 11.15 -16.13
C ALA B 201 -19.97 10.34 -17.15
N THR B 202 -19.07 10.99 -17.91
CA THR B 202 -18.20 10.25 -18.81
C THR B 202 -17.26 9.30 -18.05
N PHE B 203 -16.70 9.76 -16.92
CA PHE B 203 -15.84 8.87 -16.16
C PHE B 203 -16.62 7.72 -15.54
N LEU B 204 -17.81 8.01 -15.03
CA LEU B 204 -18.64 6.97 -14.42
C LEU B 204 -19.01 5.90 -15.44
N ASP B 205 -19.42 6.30 -16.64
CA ASP B 205 -19.69 5.34 -17.68
C ASP B 205 -18.46 4.50 -18.00
N TYR B 206 -17.29 5.16 -18.07
CA TYR B 206 -16.03 4.45 -18.29
C TYR B 206 -15.73 3.45 -17.17
N LEU B 207 -15.88 3.89 -15.92
CA LEU B 207 -15.62 3.03 -14.77
C LEU B 207 -16.51 1.80 -14.78
N LEU B 208 -17.78 1.96 -15.15
CA LEU B 208 -18.69 0.82 -15.20
C LEU B 208 -18.34 -0.10 -16.34
N THR B 209 -17.85 0.43 -17.46
CA THR B 209 -17.52 -0.44 -18.58
C THR B 209 -16.26 -1.23 -18.31
N GLU B 210 -15.30 -0.64 -17.60
CA GLU B 210 -14.03 -1.32 -17.42
C GLU B 210 -14.10 -2.26 -16.25
N SER B 211 -15.02 -2.03 -15.33
CA SER B 211 -15.14 -2.92 -14.19
C SER B 211 -15.89 -4.19 -14.56
N GLN B 212 -16.93 -4.07 -15.40
CA GLN B 212 -17.60 -5.27 -15.87
C GLN B 212 -16.71 -6.06 -16.81
N ARG B 213 -15.74 -5.41 -17.47
CA ARG B 213 -14.69 -6.13 -18.17
C ARG B 213 -13.87 -6.98 -17.20
N ILE B 214 -13.45 -6.39 -16.08
CA ILE B 214 -12.69 -7.15 -15.08
C ILE B 214 -13.54 -8.26 -14.48
N ALA B 215 -14.82 -7.98 -14.24
CA ALA B 215 -15.73 -8.99 -13.70
C ALA B 215 -15.87 -10.17 -14.65
N ALA B 216 -16.02 -9.90 -15.95
CA ALA B 216 -16.11 -10.97 -16.94
C ALA B 216 -14.83 -11.82 -16.96
N ASP B 217 -13.67 -11.19 -16.76
CA ASP B 217 -12.41 -11.91 -16.84
C ASP B 217 -12.24 -12.94 -15.72
N ILE B 218 -12.83 -12.69 -14.56
CA ILE B 218 -12.75 -13.60 -13.40
C ILE B 218 -14.09 -14.28 -13.11
N GLN B 219 -15.04 -14.26 -14.04
CA GLN B 219 -16.36 -14.83 -13.80
C GLN B 219 -16.31 -16.35 -13.61
N ILE B 220 -17.06 -16.83 -12.63
CA ILE B 220 -17.25 -18.24 -12.31
C ILE B 220 -18.73 -18.52 -12.13
N PRO B 221 -19.15 -19.78 -12.22
CA PRO B 221 -20.57 -20.09 -11.98
C PRO B 221 -20.95 -19.75 -10.55
N GLU B 222 -22.07 -19.06 -10.38
CA GLU B 222 -22.61 -18.75 -9.07
C GLU B 222 -23.94 -19.46 -8.86
N SER B 223 -24.46 -19.40 -7.63
CA SER B 223 -25.70 -20.11 -7.32
C SER B 223 -26.90 -19.33 -7.86
#